data_7LPH
#
_entry.id   7LPH
#
_cell.length_a   44.249
_cell.length_b   61.570
_cell.length_c   72.964
_cell.angle_alpha   83.652
_cell.angle_beta   78.147
_cell.angle_gamma   87.418
#
_symmetry.space_group_name_H-M   'P 1'
#
loop_
_entity.id
_entity.type
_entity.pdbx_description
1 polymer 'DNA-(apurinic or apyrimidinic site) lyase'
2 polymer "DNA (5'-D(*GP*GP*AP*TP*CP*CP*GP*TP*CP*GP*AP*GP*CP*GP*CP*AP*TP*CP*AP*GP*C)-3')"
3 polymer "DNA (5'-D(*GP*CP*TP*GP*AP*TP*GP*CP*GP*C)-3')"
4 polymer "DNA (5'-R(P*N)-D(P*CP*GP*AP*CP*GP*GP*AP*TP*CP*C)-3')"
5 non-polymer 'MANGANESE (II) ION'
6 water water
#
loop_
_entity_poly.entity_id
_entity_poly.type
_entity_poly.pdbx_seq_one_letter_code
_entity_poly.pdbx_strand_id
1 'polypeptide(L)'
;ALYEDPPDQKTSPSGKPATLKICSWNVDGLRAWIKKKGLDWVKEEAPDILCLQETKCSENKLPAELQELPGLSHQYWSAP
SDKEGYSGVGLLSRQAPLKVSYGIGDEEHDQEGRVIVAEFDSFVLVTAYVPNAGRGLVRLEYRQRWDEAFRKFLKGLASR
KPLVLCGDLNVAHEEIDLRNPKGNKKNAGFTPQERQGFGELLQAVPLADSFRHLYPNTPYAYTFWTYMMNARSKNVGWRL
DYFLLSHSLLPALCDSKIRSKALGSDHCPITLYLAL
;
B,D
2 'polydeoxyribonucleotide'
;(DG)(DG)(DA)(DT)(DC)(DC)(DG)(DT)(DC)(DG)(DA)(DG)(DC)(DG)(DC)(DA)(DT)(DC)(DA)(DG)
(DC)
;
C
3 'polydeoxyribonucleotide' (DG)(DC)(DT)(DG)(DA)(DT)(DG)(DC)(DG)(DC) E
4 'polydeoxyribonucleotide' (N)(DC)(DG)(DA)(DC)(DG)(DG)(DA)(DT)(DC)(DC) A
#
loop_
_chem_comp.id
_chem_comp.type
_chem_comp.name
_chem_comp.formula
DA DNA linking 2'-DEOXYADENOSINE-5'-MONOPHOSPHATE 'C10 H14 N5 O6 P'
DC DNA linking 2'-DEOXYCYTIDINE-5'-MONOPHOSPHATE 'C9 H14 N3 O7 P'
DG DNA linking 2'-DEOXYGUANOSINE-5'-MONOPHOSPHATE 'C10 H14 N5 O7 P'
DT DNA linking THYMIDINE-5'-MONOPHOSPHATE 'C10 H15 N2 O8 P'
MN non-polymer 'MANGANESE (II) ION' 'Mn 2'
N RNA linking 'ANY 5'-MONOPHOSPHATE NUCLEOTIDE' 'C5 H11 O7 P'
#
# COMPACT_ATOMS: atom_id res chain seq x y z
N ALA A 1 -17.69 -6.61 10.19
CA ALA A 1 -16.84 -5.59 10.80
C ALA A 1 -16.00 -6.24 11.87
N LEU A 2 -15.77 -7.53 11.72
CA LEU A 2 -14.86 -8.20 12.66
C LEU A 2 -13.63 -8.49 11.81
N TYR A 3 -12.51 -8.80 12.42
CA TYR A 3 -11.27 -8.90 11.62
C TYR A 3 -10.56 -10.22 11.79
N GLU A 4 -10.02 -10.76 10.70
CA GLU A 4 -9.22 -11.99 10.74
C GLU A 4 -7.83 -11.68 10.16
N ASP A 5 -6.82 -11.72 11.04
CA ASP A 5 -5.45 -11.35 10.64
C ASP A 5 -4.93 -12.34 9.60
N PRO A 6 -4.40 -11.91 8.43
CA PRO A 6 -3.89 -12.85 7.43
C PRO A 6 -2.80 -13.74 8.03
N PRO A 7 -2.45 -14.85 7.37
CA PRO A 7 -1.41 -15.72 7.93
C PRO A 7 -0.06 -15.01 7.95
N ASP A 8 0.89 -15.68 8.57
CA ASP A 8 2.23 -15.06 8.75
C ASP A 8 3.05 -15.20 7.47
N GLN A 9 3.46 -14.07 6.93
CA GLN A 9 4.37 -14.10 5.77
C GLN A 9 5.78 -14.00 6.35
N LYS A 10 6.52 -15.09 6.28
CA LYS A 10 7.86 -15.15 6.90
C LYS A 10 8.94 -15.10 5.82
N THR A 11 8.60 -14.57 4.64
CA THR A 11 9.55 -14.47 3.52
C THR A 11 9.52 -13.03 2.98
N SER A 12 10.68 -12.43 2.74
CA SER A 12 10.75 -11.06 2.25
C SER A 12 10.42 -11.04 0.76
N PRO A 13 10.13 -9.86 0.21
CA PRO A 13 9.78 -9.82 -1.22
C PRO A 13 10.89 -10.30 -2.12
N SER A 14 12.16 -10.21 -1.67
CA SER A 14 13.34 -10.72 -2.44
C SER A 14 13.51 -12.19 -2.13
N GLY A 15 12.68 -12.66 -1.20
CA GLY A 15 12.68 -14.09 -0.90
C GLY A 15 13.59 -14.53 0.21
N LYS A 16 13.92 -13.64 1.17
CA LYS A 16 14.76 -14.26 2.17
C LYS A 16 13.96 -14.63 3.42
N PRO A 17 14.40 -15.65 4.21
CA PRO A 17 13.66 -16.05 5.37
C PRO A 17 13.79 -15.05 6.52
N ALA A 18 12.69 -14.84 7.23
CA ALA A 18 12.67 -13.95 8.40
C ALA A 18 13.68 -14.43 9.42
N THR A 19 14.49 -13.52 9.93
CA THR A 19 15.55 -13.87 10.90
C THR A 19 15.21 -13.23 12.25
N LEU A 20 14.32 -12.25 12.25
CA LEU A 20 14.02 -11.51 13.49
C LEU A 20 12.51 -11.38 13.71
N LYS A 21 12.07 -11.66 14.91
CA LYS A 21 10.65 -11.57 15.29
C LYS A 21 10.54 -10.67 16.53
N ILE A 22 9.87 -9.55 16.39
CA ILE A 22 9.70 -8.58 17.48
C ILE A 22 8.22 -8.49 17.83
N CYS A 23 7.90 -8.63 19.09
CA CYS A 23 6.51 -8.53 19.56
C CYS A 23 6.37 -7.32 20.48
N SER A 24 5.37 -6.48 20.27
CA SER A 24 5.09 -5.34 21.17
C SER A 24 3.71 -5.52 21.78
N TRP A 25 3.55 -5.16 23.04
CA TRP A 25 2.26 -5.38 23.74
C TRP A 25 2.04 -4.37 24.86
N ASN A 26 0.98 -3.58 24.77
CA ASN A 26 0.59 -2.72 25.91
C ASN A 26 -0.13 -3.69 26.85
N VAL A 27 0.45 -3.93 28.01
CA VAL A 27 -0.09 -4.96 28.93
C VAL A 27 -1.08 -4.34 29.93
N ASP A 28 -1.13 -3.02 30.00
CA ASP A 28 -2.06 -2.29 30.91
C ASP A 28 -2.07 -2.96 32.29
N GLY A 29 -0.92 -3.01 32.94
CA GLY A 29 -0.80 -3.70 34.24
C GLY A 29 -0.03 -4.97 34.07
N LEU A 30 1.28 -4.91 34.25
CA LEU A 30 2.15 -6.10 34.01
C LEU A 30 1.73 -7.23 34.96
N ARG A 31 1.54 -6.91 36.22
CA ARG A 31 1.19 -7.95 37.22
C ARG A 31 -0.15 -8.59 36.83
N ALA A 32 -1.16 -7.77 36.52
CA ALA A 32 -2.44 -8.36 36.13
C ALA A 32 -2.32 -9.15 34.83
N TRP A 33 -1.60 -8.58 33.86
CA TRP A 33 -1.33 -9.27 32.61
C TRP A 33 -0.66 -10.62 32.87
N ILE A 34 0.30 -10.66 33.80
CA ILE A 34 0.95 -11.93 34.11
C ILE A 34 -0.06 -12.91 34.71
N LYS A 35 -0.88 -12.44 35.64
CA LYS A 35 -1.90 -13.33 36.21
C LYS A 35 -2.89 -13.80 35.16
N LYS A 36 -3.08 -13.06 34.07
CA LYS A 36 -4.00 -13.46 33.01
C LYS A 36 -3.29 -14.22 31.90
N LYS A 37 -2.11 -14.77 32.17
CA LYS A 37 -1.41 -15.74 31.33
C LYS A 37 -0.57 -15.10 30.23
N GLY A 38 -0.28 -13.81 30.32
CA GLY A 38 0.46 -13.17 29.22
C GLY A 38 1.75 -13.87 28.89
N LEU A 39 2.50 -14.29 29.91
CA LEU A 39 3.83 -14.91 29.67
C LEU A 39 3.66 -16.26 28.95
N ASP A 40 2.57 -16.95 29.20
CA ASP A 40 2.28 -18.21 28.47
C ASP A 40 2.13 -17.91 26.97
N TRP A 41 1.36 -16.89 26.63
CA TRP A 41 1.24 -16.51 25.19
C TRP A 41 2.61 -16.11 24.64
N VAL A 42 3.33 -15.27 25.37
CA VAL A 42 4.63 -14.83 24.84
C VAL A 42 5.51 -16.04 24.56
N LYS A 43 5.56 -16.99 25.51
CA LYS A 43 6.38 -18.18 25.31
C LYS A 43 5.96 -18.93 24.05
N GLU A 44 4.66 -18.99 23.77
CA GLU A 44 4.18 -19.58 22.52
C GLU A 44 4.62 -18.75 21.33
N GLU A 45 4.39 -17.44 21.38
CA GLU A 45 4.77 -16.58 20.27
C GLU A 45 6.27 -16.61 20.04
N ALA A 46 7.05 -16.75 21.10
CA ALA A 46 8.49 -16.90 21.03
C ALA A 46 9.17 -15.83 20.17
N PRO A 47 9.01 -14.55 20.50
CA PRO A 47 9.75 -13.52 19.78
C PRO A 47 11.21 -13.49 20.21
N ASP A 48 12.06 -12.97 19.31
CA ASP A 48 13.41 -12.63 19.71
C ASP A 48 13.45 -11.43 20.63
N ILE A 49 12.51 -10.50 20.46
CA ILE A 49 12.48 -9.30 21.28
C ILE A 49 11.04 -9.03 21.66
N LEU A 50 10.81 -8.68 22.91
CA LEU A 50 9.48 -8.38 23.43
C LEU A 50 9.49 -7.02 24.08
N CYS A 51 8.63 -6.12 23.57
CA CYS A 51 8.45 -4.78 24.11
C CYS A 51 7.10 -4.68 24.82
N LEU A 52 7.08 -4.04 25.96
CA LEU A 52 5.88 -3.95 26.78
C LEU A 52 5.69 -2.50 27.21
N GLN A 53 4.44 -2.05 27.20
CA GLN A 53 4.12 -0.67 27.56
C GLN A 53 3.03 -0.66 28.62
N GLU A 54 3.01 0.44 29.39
CA GLU A 54 2.03 0.65 30.46
C GLU A 54 2.14 -0.48 31.49
N THR A 55 3.37 -0.73 31.95
CA THR A 55 3.58 -1.83 32.87
C THR A 55 2.95 -1.54 34.23
N LYS A 56 3.01 -0.28 34.68
CA LYS A 56 2.43 0.14 35.98
C LYS A 56 2.99 -0.72 37.12
N CYS A 57 4.31 -0.87 37.16
CA CYS A 57 4.94 -1.74 38.14
C CYS A 57 6.38 -1.27 38.31
N SER A 58 6.76 -1.00 39.55
CA SER A 58 8.14 -0.57 39.85
C SER A 58 9.07 -1.75 39.63
N GLU A 59 10.36 -1.50 39.41
CA GLU A 59 11.35 -2.59 39.23
C GLU A 59 11.36 -3.52 40.44
N ASN A 60 11.16 -3.00 41.64
CA ASN A 60 11.26 -3.84 42.87
C ASN A 60 10.10 -4.82 42.93
N LYS A 61 8.99 -4.49 42.29
CA LYS A 61 7.80 -5.36 42.35
C LYS A 61 7.70 -6.21 41.07
N LEU A 62 8.78 -6.32 40.29
CA LEU A 62 8.62 -7.09 39.07
C LEU A 62 8.48 -8.58 39.42
N PRO A 63 7.41 -9.24 39.00
CA PRO A 63 7.22 -10.65 39.40
C PRO A 63 8.37 -11.52 38.93
N ALA A 64 8.77 -12.50 39.74
CA ALA A 64 9.96 -13.31 39.39
C ALA A 64 9.71 -14.25 38.20
N GLU A 65 8.45 -14.50 37.83
CA GLU A 65 8.16 -15.29 36.60
C GLU A 65 8.83 -14.67 35.37
N LEU A 66 9.10 -13.37 35.37
CA LEU A 66 9.80 -12.81 34.22
C LEU A 66 11.18 -13.41 34.05
N GLN A 67 11.87 -13.73 35.14
CA GLN A 67 13.16 -14.38 34.96
C GLN A 67 13.02 -15.78 34.37
N GLU A 68 11.81 -16.39 34.45
CA GLU A 68 11.52 -17.69 33.87
C GLU A 68 11.32 -17.64 32.35
N LEU A 69 11.75 -16.57 31.70
CA LEU A 69 11.83 -16.56 30.25
C LEU A 69 13.29 -16.56 29.84
N PRO A 70 13.99 -17.70 29.91
CA PRO A 70 15.41 -17.68 29.53
C PRO A 70 15.63 -17.35 28.05
N GLY A 71 14.65 -17.63 27.17
CA GLY A 71 14.72 -17.18 25.78
C GLY A 71 14.60 -15.67 25.59
N LEU A 72 14.27 -14.93 26.65
CA LEU A 72 14.27 -13.47 26.62
C LEU A 72 14.98 -12.99 27.88
N SER A 73 16.22 -13.44 28.04
CA SER A 73 16.90 -13.33 29.33
C SER A 73 17.42 -11.93 29.62
N HIS A 74 17.61 -11.09 28.62
CA HIS A 74 18.14 -9.76 28.83
C HIS A 74 16.96 -8.81 28.91
N GLN A 75 16.71 -8.25 30.10
CA GLN A 75 15.51 -7.47 30.33
C GLN A 75 15.86 -6.08 30.84
N TYR A 76 15.21 -5.07 30.26
CA TYR A 76 15.43 -3.67 30.60
C TYR A 76 14.09 -3.03 30.89
N TRP A 77 14.07 -2.15 31.89
CA TRP A 77 12.82 -1.60 32.41
C TRP A 77 12.99 -0.11 32.62
N SER A 78 11.93 0.64 32.35
CA SER A 78 11.91 2.08 32.54
C SER A 78 10.63 2.44 33.27
N ALA A 79 10.77 3.06 34.43
CA ALA A 79 9.64 3.45 35.27
C ALA A 79 9.74 4.92 35.65
N PRO A 80 8.61 5.58 35.86
CA PRO A 80 8.65 6.98 36.25
C PRO A 80 9.03 7.14 37.71
N SER A 81 9.74 8.23 38.00
CA SER A 81 10.08 8.55 39.37
C SER A 81 8.86 9.08 40.13
N ASP A 82 8.28 10.18 39.65
CA ASP A 82 7.14 10.81 40.29
C ASP A 82 5.95 9.86 40.33
N LYS A 83 5.35 9.63 39.17
CA LYS A 83 4.15 8.81 39.07
C LYS A 83 4.37 7.45 39.72
N GLU A 84 3.39 7.03 40.50
CA GLU A 84 3.23 5.65 40.92
C GLU A 84 1.97 5.11 40.27
N GLY A 85 2.02 3.85 39.83
CA GLY A 85 0.82 3.21 39.28
C GLY A 85 0.54 3.58 37.83
N TYR A 86 1.22 4.58 37.27
CA TYR A 86 1.01 4.87 35.83
C TYR A 86 2.28 4.65 35.01
N SER A 87 2.14 4.57 33.68
CA SER A 87 3.29 4.46 32.76
C SER A 87 4.16 3.23 32.98
N GLY A 88 5.34 3.28 32.39
CA GLY A 88 6.29 2.20 32.54
C GLY A 88 6.35 1.35 31.29
N VAL A 89 7.57 1.03 30.84
CA VAL A 89 7.80 0.22 29.65
C VAL A 89 8.95 -0.74 29.91
N GLY A 90 9.04 -1.76 29.06
CA GLY A 90 10.05 -2.78 29.20
C GLY A 90 10.46 -3.32 27.85
N LEU A 91 11.68 -3.83 27.79
CA LEU A 91 12.21 -4.44 26.59
C LEU A 91 12.96 -5.69 26.99
N LEU A 92 12.53 -6.84 26.48
CA LEU A 92 13.14 -8.12 26.78
C LEU A 92 13.69 -8.68 25.48
N SER A 93 14.92 -9.18 25.51
CA SER A 93 15.61 -9.53 24.28
C SER A 93 16.37 -10.82 24.45
N ARG A 94 16.34 -11.67 23.42
CA ARG A 94 17.12 -12.90 23.43
C ARG A 94 18.61 -12.60 23.54
N GLN A 95 19.12 -11.71 22.69
CA GLN A 95 20.50 -11.25 22.75
C GLN A 95 20.61 -9.89 23.42
N ALA A 96 21.75 -9.64 24.04
CA ALA A 96 21.99 -8.34 24.64
C ALA A 96 22.08 -7.26 23.57
N PRO A 97 21.37 -6.15 23.73
CA PRO A 97 21.61 -5.01 22.83
C PRO A 97 23.03 -4.49 23.02
N LEU A 98 23.61 -3.90 21.99
CA LEU A 98 24.95 -3.29 22.12
C LEU A 98 24.90 -2.11 23.10
N LYS A 99 23.76 -1.46 23.21
CA LYS A 99 23.58 -0.30 24.11
C LYS A 99 22.10 -0.07 24.38
N VAL A 100 21.76 0.30 25.60
CA VAL A 100 20.39 0.55 26.01
C VAL A 100 20.34 1.90 26.67
N SER A 101 19.39 2.73 26.29
CA SER A 101 19.21 4.02 26.92
C SER A 101 17.73 4.23 27.22
N TYR A 102 17.46 5.23 28.04
CA TYR A 102 16.13 5.47 28.58
C TYR A 102 15.74 6.93 28.40
N GLY A 103 14.53 7.18 27.93
CA GLY A 103 14.07 8.55 27.79
C GLY A 103 14.45 9.17 26.47
N ILE A 104 14.14 10.46 26.34
CA ILE A 104 14.31 11.14 25.06
C ILE A 104 15.11 12.44 25.17
N GLY A 105 15.85 12.63 26.26
CA GLY A 105 16.92 13.62 26.30
C GLY A 105 16.74 14.76 27.30
N ASP A 106 15.50 15.16 27.59
CA ASP A 106 15.37 16.28 28.52
C ASP A 106 14.61 15.90 29.79
N GLU A 107 15.21 15.00 30.57
CA GLU A 107 14.56 14.47 31.79
C GLU A 107 15.06 15.18 33.06
N GLN A 111 10.98 12.54 34.38
CA GLN A 111 11.29 11.22 33.77
C GLN A 111 10.03 10.38 33.84
N GLU A 112 9.38 10.14 32.70
CA GLU A 112 8.06 9.51 32.75
C GLU A 112 8.10 8.00 32.48
N GLY A 113 9.25 7.44 32.14
CA GLY A 113 9.26 6.01 31.96
C GLY A 113 8.44 5.53 30.76
N ARG A 114 8.62 6.20 29.62
CA ARG A 114 7.88 5.90 28.40
C ARG A 114 8.70 5.35 27.26
N VAL A 115 10.02 5.49 27.28
CA VAL A 115 10.82 5.18 26.11
C VAL A 115 12.07 4.41 26.51
N ILE A 116 12.31 3.30 25.83
CA ILE A 116 13.58 2.60 25.88
C ILE A 116 14.15 2.54 24.46
N VAL A 117 15.46 2.69 24.36
CA VAL A 117 16.19 2.70 23.10
C VAL A 117 17.25 1.60 23.18
N ALA A 118 17.16 0.61 22.30
CA ALA A 118 18.08 -0.51 22.29
C ALA A 118 18.78 -0.53 20.94
N GLU A 119 20.10 -0.36 20.96
CA GLU A 119 20.90 -0.42 19.75
C GLU A 119 21.31 -1.86 19.53
N PHE A 120 20.99 -2.38 18.35
CA PHE A 120 21.45 -3.72 17.95
C PHE A 120 22.48 -3.55 16.83
N ASP A 121 22.95 -4.65 16.27
CA ASP A 121 23.99 -4.59 15.21
C ASP A 121 23.47 -3.91 13.95
N SER A 122 22.31 -4.32 13.43
CA SER A 122 21.86 -3.80 12.12
C SER A 122 20.84 -2.65 12.23
N PHE A 123 20.37 -2.34 13.43
CA PHE A 123 19.31 -1.34 13.53
C PHE A 123 19.22 -0.86 14.97
N VAL A 124 18.42 0.17 15.18
CA VAL A 124 18.10 0.65 16.52
C VAL A 124 16.59 0.51 16.76
N LEU A 125 16.24 -0.11 17.87
CA LEU A 125 14.86 -0.33 18.25
C LEU A 125 14.48 0.68 19.33
N VAL A 126 13.41 1.42 19.09
CA VAL A 126 12.81 2.29 20.08
C VAL A 126 11.46 1.70 20.43
N THR A 127 11.16 1.59 21.72
CA THR A 127 9.80 1.31 22.12
C THR A 127 9.28 2.46 22.97
N ALA A 128 7.99 2.75 22.81
CA ALA A 128 7.43 3.97 23.37
C ALA A 128 6.02 3.74 23.88
N TYR A 129 5.72 4.41 24.98
CA TYR A 129 4.36 4.54 25.50
C TYR A 129 4.06 6.03 25.46
N VAL A 130 3.46 6.46 24.35
CA VAL A 130 3.20 7.88 24.08
C VAL A 130 2.13 8.39 25.04
N PRO A 131 2.28 9.57 25.64
CA PRO A 131 1.26 10.07 26.59
C PRO A 131 -0.10 10.22 25.93
N ASN A 132 -1.11 9.71 26.62
CA ASN A 132 -2.50 9.89 26.19
C ASN A 132 -2.92 11.34 26.37
N ALA A 133 -3.68 11.87 25.41
CA ALA A 133 -4.13 13.26 25.51
C ALA A 133 -5.07 13.46 26.68
N GLY A 134 -5.77 12.40 27.09
CA GLY A 134 -6.60 12.46 28.30
C GLY A 134 -8.08 12.61 28.07
N ARG A 135 -8.90 12.23 29.05
CA ARG A 135 -10.36 12.46 28.91
C ARG A 135 -10.58 13.96 28.91
N GLY A 136 -11.34 14.44 27.95
CA GLY A 136 -11.54 15.90 27.82
C GLY A 136 -10.30 16.62 27.37
N LEU A 137 -9.39 15.95 26.65
CA LEU A 137 -8.17 16.57 26.08
C LEU A 137 -7.37 17.36 27.11
N VAL A 138 -7.42 16.96 28.38
CA VAL A 138 -6.75 17.73 29.47
C VAL A 138 -5.24 17.80 29.27
N ARG A 139 -4.63 16.73 28.76
CA ARG A 139 -3.16 16.69 28.64
C ARG A 139 -2.72 16.76 27.18
N LEU A 140 -3.58 17.26 26.29
CA LEU A 140 -3.24 17.39 24.86
C LEU A 140 -2.06 18.35 24.70
N GLU A 141 -2.03 19.41 25.48
CA GLU A 141 -0.90 20.36 25.40
C GLU A 141 0.38 19.60 25.73
N TYR A 142 0.38 18.84 26.84
CA TYR A 142 1.57 18.04 27.10
C TYR A 142 1.86 17.11 25.94
N ARG A 143 0.83 16.47 25.40
CA ARG A 143 1.04 15.50 24.32
C ARG A 143 1.65 16.16 23.09
N GLN A 144 1.28 17.41 22.81
CA GLN A 144 1.78 18.09 21.60
C GLN A 144 3.28 18.37 21.75
N ARG A 145 3.70 18.79 22.93
CA ARG A 145 5.12 19.14 23.14
C ARG A 145 5.94 17.84 23.15
N TRP A 146 5.35 16.79 23.70
CA TRP A 146 6.04 15.48 23.74
C TRP A 146 6.23 15.00 22.30
N ASP A 147 5.21 15.15 21.47
CA ASP A 147 5.39 14.73 20.10
C ASP A 147 6.57 15.46 19.46
N GLU A 148 6.64 16.78 19.66
CA GLU A 148 7.73 17.54 19.05
C GLU A 148 9.06 17.08 19.57
N ALA A 149 9.20 16.98 20.90
CA ALA A 149 10.44 16.48 21.49
C ALA A 149 10.80 15.11 20.95
N PHE A 150 9.81 14.21 20.86
CA PHE A 150 10.06 12.84 20.44
C PHE A 150 10.51 12.80 19.00
N ARG A 151 9.81 13.54 18.13
CA ARG A 151 10.17 13.68 16.73
C ARG A 151 11.62 14.12 16.57
N LYS A 152 11.99 15.19 17.27
CA LYS A 152 13.36 15.68 17.25
C LYS A 152 14.33 14.61 17.72
N PHE A 153 14.05 14.02 18.88
CA PHE A 153 14.91 12.97 19.42
C PHE A 153 15.10 11.85 18.40
N LEU A 154 14.03 11.41 17.76
CA LEU A 154 14.16 10.30 16.82
C LEU A 154 14.96 10.71 15.58
N LYS A 155 14.86 11.97 15.16
CA LYS A 155 15.61 12.42 13.99
C LYS A 155 17.10 12.21 14.20
N GLY A 156 17.65 12.81 15.25
CA GLY A 156 19.03 12.59 15.65
C GLY A 156 19.31 11.19 16.18
N LEU A 157 18.84 10.17 15.47
CA LEU A 157 18.96 8.79 15.90
C LEU A 157 18.98 7.89 14.66
N ALA A 158 18.00 8.10 13.77
CA ALA A 158 17.96 7.38 12.51
C ALA A 158 18.98 7.89 11.50
N SER A 159 19.63 8.98 11.91
CA SER A 159 20.76 9.54 11.13
C SER A 159 21.92 8.56 11.30
N ARG A 160 21.93 7.81 12.41
CA ARG A 160 23.05 6.86 12.70
C ARG A 160 22.78 5.52 12.02
N LYS A 161 21.74 4.78 12.44
CA LYS A 161 21.44 3.43 11.90
C LYS A 161 19.93 3.30 11.53
N PRO A 162 19.42 2.31 10.74
CA PRO A 162 17.97 2.26 10.48
C PRO A 162 17.21 2.03 11.79
N LEU A 163 15.97 2.49 11.81
CA LEU A 163 15.18 2.58 13.03
C LEU A 163 13.94 1.72 12.95
N VAL A 164 13.67 0.98 14.03
CA VAL A 164 12.36 0.35 14.23
C VAL A 164 11.77 1.00 15.47
N LEU A 165 10.57 1.58 15.33
CA LEU A 165 9.88 2.20 16.45
C LEU A 165 8.61 1.40 16.68
N CYS A 166 8.44 0.87 17.89
CA CYS A 166 7.26 0.07 18.14
C CYS A 166 6.60 0.55 19.43
N GLY A 167 5.34 0.17 19.59
CA GLY A 167 4.72 0.46 20.86
C GLY A 167 3.37 1.10 20.66
N ASP A 168 2.88 1.68 21.75
CA ASP A 168 1.57 2.30 21.82
C ASP A 168 1.78 3.77 21.57
N LEU A 169 1.46 4.22 20.34
CA LEU A 169 1.64 5.61 19.97
C LEU A 169 0.43 6.47 20.32
N ASN A 170 -0.64 5.85 20.82
CA ASN A 170 -1.84 6.54 21.30
C ASN A 170 -2.38 7.51 20.25
N VAL A 171 -2.52 7.02 19.02
CA VAL A 171 -3.22 7.75 17.98
C VAL A 171 -3.58 6.81 16.86
N ALA A 172 -4.83 6.88 16.41
CA ALA A 172 -5.21 6.25 15.16
C ALA A 172 -4.92 7.28 14.06
N HIS A 173 -4.01 6.92 13.15
CA HIS A 173 -3.55 7.87 12.14
C HIS A 173 -4.71 8.36 11.26
N GLU A 174 -5.39 7.45 10.59
CA GLU A 174 -6.47 7.82 9.66
C GLU A 174 -7.78 7.17 10.06
N GLU A 175 -8.83 7.40 9.29
CA GLU A 175 -10.19 6.90 9.61
C GLU A 175 -10.24 5.38 9.59
N ILE A 176 -9.56 4.78 8.64
CA ILE A 176 -9.54 3.29 8.52
C ILE A 176 -8.92 2.71 9.79
N ASP A 177 -8.29 3.54 10.62
CA ASP A 177 -7.58 3.00 11.77
C ASP A 177 -8.48 2.90 13.00
N LEU A 178 -9.76 3.21 12.88
CA LEU A 178 -10.65 3.08 14.03
C LEU A 178 -12.06 2.86 13.53
N ARG A 179 -12.93 2.45 14.45
CA ARG A 179 -14.28 2.08 14.07
C ARG A 179 -15.19 3.30 13.96
N ASN A 180 -15.00 4.30 14.82
CA ASN A 180 -15.85 5.49 14.85
C ASN A 180 -15.03 6.74 14.56
N PRO A 181 -14.53 6.90 13.32
CA PRO A 181 -13.81 8.13 12.99
C PRO A 181 -14.58 9.39 13.34
N LYS A 182 -15.84 9.51 12.92
CA LYS A 182 -16.51 10.79 13.03
C LYS A 182 -16.95 11.09 14.46
N GLY A 183 -17.20 10.08 15.29
CA GLY A 183 -17.58 10.40 16.65
C GLY A 183 -16.43 10.76 17.58
N ASN A 184 -15.18 10.52 17.13
CA ASN A 184 -14.00 10.71 18.01
C ASN A 184 -13.05 11.81 17.54
N LYS A 185 -13.51 12.77 16.76
CA LYS A 185 -12.61 13.82 16.20
C LYS A 185 -12.13 14.78 17.27
N LYS A 186 -12.74 14.75 18.45
CA LYS A 186 -12.25 15.61 19.56
C LYS A 186 -11.99 14.75 20.79
N ASN A 187 -11.66 13.48 20.58
CA ASN A 187 -11.31 12.59 21.70
C ASN A 187 -9.85 12.19 21.55
N ALA A 188 -9.17 11.95 22.67
CA ALA A 188 -7.76 11.60 22.66
C ALA A 188 -7.52 10.45 21.69
N GLY A 189 -6.47 10.58 20.89
CA GLY A 189 -6.14 9.58 19.91
C GLY A 189 -6.66 9.85 18.51
N PHE A 190 -7.64 10.75 18.37
CA PHE A 190 -8.07 11.08 17.02
C PHE A 190 -8.28 12.58 16.84
N THR A 191 -7.70 13.41 17.69
CA THR A 191 -7.80 14.84 17.49
C THR A 191 -7.08 15.21 16.19
N PRO A 192 -7.26 16.43 15.68
CA PRO A 192 -6.48 16.82 14.50
C PRO A 192 -5.02 17.03 14.84
N GLN A 193 -4.73 17.59 16.01
CA GLN A 193 -3.34 17.78 16.43
C GLN A 193 -2.61 16.45 16.52
N GLU A 194 -3.30 15.40 16.98
CA GLU A 194 -2.63 14.11 17.18
C GLU A 194 -2.40 13.41 15.85
N ARG A 195 -3.37 13.44 14.96
CA ARG A 195 -3.18 12.82 13.61
C ARG A 195 -2.08 13.57 12.87
N GLN A 196 -2.05 14.89 13.02
CA GLN A 196 -1.00 15.72 12.38
C GLN A 196 0.36 15.30 12.94
N GLY A 197 0.46 15.13 14.26
CA GLY A 197 1.74 14.76 14.84
C GLY A 197 2.26 13.43 14.32
N PHE A 198 1.38 12.45 14.16
CA PHE A 198 1.78 11.18 13.56
C PHE A 198 2.28 11.40 12.15
N GLY A 199 1.56 12.20 11.36
CA GLY A 199 2.02 12.50 10.01
C GLY A 199 3.39 13.15 10.01
N GLU A 200 3.60 14.12 10.90
CA GLU A 200 4.91 14.73 11.03
C GLU A 200 5.97 13.70 11.45
N LEU A 201 5.60 12.77 12.33
CA LEU A 201 6.53 11.73 12.71
C LEU A 201 7.01 10.98 11.48
N LEU A 202 6.06 10.58 10.62
CA LEU A 202 6.39 9.82 9.43
C LEU A 202 7.19 10.66 8.43
N GLN A 203 6.83 11.94 8.28
CA GLN A 203 7.53 12.78 7.30
C GLN A 203 8.96 13.08 7.73
N ALA A 204 9.14 13.47 9.00
CA ALA A 204 10.39 14.05 9.47
C ALA A 204 11.51 13.04 9.65
N VAL A 205 11.20 11.82 10.09
CA VAL A 205 12.27 10.92 10.53
C VAL A 205 13.09 10.46 9.32
N PRO A 206 12.49 9.91 8.25
CA PRO A 206 11.12 9.47 7.98
C PRO A 206 10.88 8.02 8.38
N LEU A 207 9.62 7.63 8.51
CA LEU A 207 9.29 6.26 8.83
C LEU A 207 8.10 5.81 8.00
N ALA A 208 8.01 4.50 7.80
CA ALA A 208 6.87 3.87 7.17
C ALA A 208 6.06 3.09 8.20
N ASP A 209 4.73 3.16 8.11
CA ASP A 209 3.82 2.33 8.95
C ASP A 209 3.81 0.92 8.36
N SER A 210 4.44 -0.04 9.03
CA SER A 210 4.60 -1.41 8.50
C SER A 210 3.28 -2.03 8.04
N PHE A 211 2.29 -2.08 8.92
CA PHE A 211 0.99 -2.74 8.63
C PHE A 211 0.32 -2.12 7.39
N ARG A 212 0.23 -0.81 7.38
CA ARG A 212 -0.45 -0.11 6.26
C ARG A 212 0.38 -0.25 4.97
N HIS A 213 1.70 -0.27 5.07
CA HIS A 213 2.49 -0.52 3.85
C HIS A 213 2.03 -1.84 3.26
N LEU A 214 1.87 -2.86 4.09
CA LEU A 214 1.55 -4.18 3.58
C LEU A 214 0.07 -4.35 3.27
N TYR A 215 -0.78 -3.62 3.96
CA TYR A 215 -2.24 -3.82 3.90
C TYR A 215 -2.90 -2.45 3.75
N PRO A 216 -2.63 -1.74 2.65
CA PRO A 216 -3.09 -0.34 2.54
C PRO A 216 -4.59 -0.21 2.56
N ASN A 217 -5.31 -1.24 2.09
CA ASN A 217 -6.76 -1.18 1.94
C ASN A 217 -7.51 -1.92 3.02
N THR A 218 -6.83 -2.51 4.00
CA THR A 218 -7.49 -3.38 4.97
C THR A 218 -8.21 -2.57 6.04
N PRO A 219 -9.54 -2.70 6.18
CA PRO A 219 -10.24 -2.01 7.27
C PRO A 219 -10.45 -2.88 8.51
N TYR A 220 -10.90 -2.27 9.60
CA TYR A 220 -11.31 -2.98 10.80
C TYR A 220 -10.13 -3.66 11.52
N ALA A 221 -8.90 -3.14 11.36
CA ALA A 221 -7.72 -3.75 11.98
C ALA A 221 -7.34 -2.91 13.18
N TYR A 222 -7.71 -3.37 14.37
CA TYR A 222 -7.49 -2.59 15.59
C TYR A 222 -6.59 -3.34 16.56
N THR A 223 -5.98 -2.58 17.47
CA THR A 223 -5.15 -3.17 18.51
C THR A 223 -5.60 -2.79 19.90
N PHE A 224 -6.67 -2.02 20.02
CA PHE A 224 -7.15 -1.62 21.33
C PHE A 224 -8.66 -1.52 21.31
N TRP A 225 -9.30 -1.98 22.37
CA TRP A 225 -10.73 -1.81 22.56
C TRP A 225 -10.98 -1.42 24.01
N THR A 226 -11.85 -0.44 24.23
CA THR A 226 -12.18 -0.12 25.61
C THR A 226 -12.75 -1.35 26.30
N TYR A 227 -12.35 -1.55 27.56
CA TYR A 227 -12.93 -2.62 28.35
C TYR A 227 -14.44 -2.50 28.42
N MET A 228 -14.96 -1.28 28.39
CA MET A 228 -16.37 -1.00 28.60
C MET A 228 -17.19 -1.35 27.36
N MET A 229 -18.51 -1.38 27.59
CA MET A 229 -19.41 -2.04 26.67
C MET A 229 -18.87 -3.44 26.39
N ASN A 230 -18.93 -3.87 25.14
CA ASN A 230 -18.29 -5.11 24.73
C ASN A 230 -17.51 -4.85 23.47
N ALA A 231 -16.85 -3.68 23.44
CA ALA A 231 -16.25 -3.20 22.20
C ALA A 231 -15.35 -4.25 21.58
N ARG A 232 -14.54 -4.93 22.40
CA ARG A 232 -13.71 -6.00 21.87
C ARG A 232 -14.56 -7.03 21.14
N SER A 233 -15.64 -7.51 21.75
CA SER A 233 -16.52 -8.54 21.10
C SER A 233 -17.16 -8.01 19.83
N LYS A 234 -17.35 -6.72 19.72
CA LYS A 234 -18.01 -6.12 18.55
C LYS A 234 -16.97 -5.48 17.62
N ASN A 235 -15.69 -5.69 17.89
CA ASN A 235 -14.58 -5.10 17.08
C ASN A 235 -14.76 -3.60 16.96
N VAL A 236 -15.16 -2.96 18.04
CA VAL A 236 -15.21 -1.51 18.04
C VAL A 236 -13.93 -1.04 18.70
N GLY A 237 -12.92 -0.75 17.88
CA GLY A 237 -11.60 -0.46 18.41
C GLY A 237 -10.74 0.43 17.56
N TRP A 238 -9.49 0.58 17.98
CA TRP A 238 -8.52 1.50 17.42
C TRP A 238 -7.22 0.75 17.12
N ARG A 239 -6.51 1.24 16.11
CA ARG A 239 -5.14 0.81 15.86
C ARG A 239 -4.26 1.87 16.50
N LEU A 240 -3.84 1.62 17.74
CA LEU A 240 -2.94 2.52 18.44
C LEU A 240 -1.51 1.99 18.51
N ASP A 241 -1.28 0.74 18.16
CA ASP A 241 0.01 0.09 18.36
C ASP A 241 0.63 -0.20 17.00
N TYR A 242 1.87 0.24 16.80
CA TYR A 242 2.50 0.27 15.49
C TYR A 242 3.92 -0.28 15.55
N PHE A 243 4.38 -0.75 14.40
CA PHE A 243 5.79 -0.89 14.08
C PHE A 243 6.05 0.11 12.96
N LEU A 244 6.85 1.13 13.23
CA LEU A 244 7.27 2.07 12.19
C LEU A 244 8.74 1.82 11.84
N LEU A 245 9.06 1.86 10.53
CA LEU A 245 10.39 1.50 10.06
C LEU A 245 10.95 2.55 9.12
N SER A 246 12.27 2.60 9.13
CA SER A 246 12.99 3.43 8.16
C SER A 246 12.74 2.80 6.78
N HIS A 247 12.70 3.62 5.74
CA HIS A 247 12.51 3.13 4.35
C HIS A 247 13.53 2.03 4.05
N SER A 248 14.75 2.18 4.54
CA SER A 248 15.83 1.23 4.22
C SER A 248 15.46 -0.17 4.66
N LEU A 249 14.46 -0.28 5.53
CA LEU A 249 14.17 -1.60 6.04
C LEU A 249 13.00 -2.26 5.33
N LEU A 250 12.27 -1.53 4.50
CA LEU A 250 11.14 -2.13 3.79
C LEU A 250 11.52 -3.41 3.04
N PRO A 251 12.62 -3.48 2.29
CA PRO A 251 12.98 -4.77 1.68
C PRO A 251 13.27 -5.88 2.69
N ALA A 252 13.47 -5.56 3.97
CA ALA A 252 13.60 -6.60 4.99
C ALA A 252 12.26 -7.02 5.56
N LEU A 253 11.19 -6.27 5.28
CA LEU A 253 9.91 -6.44 5.96
C LEU A 253 9.20 -7.68 5.42
N CYS A 254 9.05 -8.70 6.26
CA CYS A 254 8.28 -9.87 5.87
C CYS A 254 6.80 -9.74 6.21
N ASP A 255 6.46 -9.20 7.37
CA ASP A 255 5.06 -9.08 7.73
C ASP A 255 4.94 -8.25 9.01
N SER A 256 3.73 -7.78 9.27
CA SER A 256 3.44 -6.98 10.44
C SER A 256 2.06 -7.41 10.91
N LYS A 257 2.00 -8.10 12.05
CA LYS A 257 0.82 -8.84 12.48
C LYS A 257 0.04 -8.09 13.55
N ILE A 258 -1.24 -8.42 13.66
CA ILE A 258 -2.07 -7.99 14.78
C ILE A 258 -2.64 -9.26 15.41
N ARG A 259 -2.28 -9.49 16.68
CA ARG A 259 -2.70 -10.72 17.39
C ARG A 259 -4.01 -10.50 18.14
N SER A 260 -5.10 -10.27 17.41
CA SER A 260 -6.42 -9.93 17.99
C SER A 260 -6.91 -10.95 19.01
N LYS A 261 -6.54 -12.20 18.87
CA LYS A 261 -7.11 -13.26 19.74
C LYS A 261 -6.41 -13.34 21.09
N ALA A 262 -5.24 -12.72 21.24
CA ALA A 262 -4.51 -12.90 22.49
C ALA A 262 -5.07 -11.96 23.57
N LEU A 263 -5.45 -12.52 24.70
CA LEU A 263 -6.12 -11.76 25.74
C LEU A 263 -5.12 -11.31 26.81
N GLY A 264 -5.61 -10.51 27.76
CA GLY A 264 -4.83 -10.14 28.93
C GLY A 264 -4.72 -8.65 29.16
N SER A 265 -5.27 -7.87 28.24
CA SER A 265 -5.13 -6.42 28.28
C SER A 265 -6.28 -5.86 27.45
N ASP A 266 -6.46 -4.54 27.50
CA ASP A 266 -7.37 -3.95 26.52
C ASP A 266 -6.67 -3.61 25.21
N HIS A 267 -5.36 -3.84 25.11
CA HIS A 267 -4.68 -3.95 23.82
C HIS A 267 -4.30 -5.40 23.54
N CYS A 268 -4.02 -5.68 22.28
CA CYS A 268 -3.53 -6.98 21.87
C CYS A 268 -2.10 -6.87 21.36
N PRO A 269 -1.35 -7.97 21.29
CA PRO A 269 0.02 -7.88 20.79
C PRO A 269 0.06 -7.56 19.30
N ILE A 270 1.19 -7.01 18.88
CA ILE A 270 1.54 -6.91 17.47
C ILE A 270 2.93 -7.49 17.28
N THR A 271 3.15 -8.12 16.13
CA THR A 271 4.38 -8.86 15.89
C THR A 271 4.95 -8.46 14.53
N LEU A 272 6.25 -8.20 14.49
CA LEU A 272 6.95 -7.83 13.26
C LEU A 272 7.92 -8.93 12.88
N TYR A 273 7.97 -9.27 11.59
CA TYR A 273 8.98 -10.17 11.04
C TYR A 273 9.89 -9.40 10.10
N LEU A 274 11.20 -9.52 10.31
CA LEU A 274 12.17 -8.91 9.42
C LEU A 274 13.19 -9.94 8.96
N ALA A 275 13.65 -9.78 7.73
CA ALA A 275 14.72 -10.62 7.20
C ALA A 275 15.99 -9.77 7.23
N LEU A 276 16.80 -9.98 8.25
CA LEU A 276 17.99 -9.18 8.46
C LEU A 276 19.26 -10.00 8.15
N ALA C 1 17.62 -8.37 -16.10
CA ALA C 1 17.77 -7.79 -17.46
C ALA C 1 16.53 -8.06 -18.31
N LEU C 2 16.62 -9.03 -19.22
CA LEU C 2 15.49 -9.34 -20.13
C LEU C 2 14.32 -9.98 -19.39
N TYR C 3 13.16 -10.03 -20.03
CA TYR C 3 11.93 -10.56 -19.37
C TYR C 3 11.11 -11.42 -20.32
N GLU C 4 10.61 -12.52 -19.80
CA GLU C 4 9.73 -13.41 -20.59
C GLU C 4 8.46 -13.60 -19.78
N ASP C 5 7.32 -13.05 -20.26
CA ASP C 5 6.06 -13.20 -19.59
C ASP C 5 5.77 -14.69 -19.43
N PRO C 6 5.31 -15.14 -18.27
CA PRO C 6 4.92 -16.55 -18.10
C PRO C 6 3.79 -16.93 -19.03
N PRO C 7 3.52 -18.22 -19.20
CA PRO C 7 2.43 -18.64 -20.09
C PRO C 7 1.09 -18.13 -19.59
N ASP C 8 0.11 -18.15 -20.48
CA ASP C 8 -1.22 -17.63 -20.13
C ASP C 8 -1.95 -18.57 -19.18
N GLN C 9 -2.38 -18.04 -18.04
CA GLN C 9 -3.22 -18.84 -17.12
C GLN C 9 -4.68 -18.52 -17.48
N LYS C 10 -5.37 -19.46 -18.13
CA LYS C 10 -6.75 -19.24 -18.55
C LYS C 10 -7.76 -19.86 -17.59
N THR C 11 -7.34 -20.17 -16.38
CA THR C 11 -8.22 -20.77 -15.38
C THR C 11 -8.11 -19.98 -14.09
N SER C 12 -9.26 -19.72 -13.48
CA SER C 12 -9.28 -18.95 -12.24
C SER C 12 -8.74 -19.82 -11.10
N PRO C 13 -8.40 -19.20 -9.95
CA PRO C 13 -7.82 -20.01 -8.86
C PRO C 13 -8.74 -21.10 -8.38
N SER C 14 -10.06 -20.93 -8.51
CA SER C 14 -11.03 -21.94 -8.14
C SER C 14 -11.32 -22.92 -9.27
N GLY C 15 -10.65 -22.80 -10.39
CA GLY C 15 -10.81 -23.80 -11.47
C GLY C 15 -11.78 -23.41 -12.57
N LYS C 16 -12.23 -22.16 -12.59
CA LYS C 16 -13.25 -21.77 -13.60
C LYS C 16 -12.52 -21.24 -14.84
N PRO C 17 -12.97 -21.58 -16.05
CA PRO C 17 -12.32 -21.14 -17.24
C PRO C 17 -12.55 -19.66 -17.60
N ALA C 18 -11.52 -19.01 -18.10
CA ALA C 18 -11.69 -17.63 -18.55
C ALA C 18 -12.78 -17.57 -19.62
N THR C 19 -13.62 -16.53 -19.54
CA THR C 19 -14.63 -16.29 -20.56
C THR C 19 -14.49 -14.95 -21.26
N LEU C 20 -13.58 -14.11 -20.82
CA LEU C 20 -13.52 -12.75 -21.32
C LEU C 20 -12.06 -12.36 -21.44
N LYS C 21 -11.67 -11.87 -22.61
CA LYS C 21 -10.29 -11.51 -22.89
C LYS C 21 -10.26 -10.05 -23.30
N ILE C 22 -9.56 -9.21 -22.54
CA ILE C 22 -9.48 -7.78 -22.82
C ILE C 22 -8.02 -7.41 -23.10
N CYS C 23 -7.81 -6.64 -24.16
CA CYS C 23 -6.46 -6.22 -24.51
C CYS C 23 -6.43 -4.70 -24.53
N SER C 24 -5.38 -4.12 -23.95
CA SER C 24 -5.24 -2.66 -23.91
C SER C 24 -3.88 -2.29 -24.48
N TRP C 25 -3.84 -1.26 -25.33
CA TRP C 25 -2.60 -0.97 -26.04
C TRP C 25 -2.49 0.51 -26.32
N ASN C 26 -1.42 1.14 -25.81
CA ASN C 26 -1.11 2.49 -26.25
C ASN C 26 -0.35 2.37 -27.56
N VAL C 27 -1.00 2.77 -28.64
CA VAL C 27 -0.48 2.53 -30.02
C VAL C 27 0.43 3.65 -30.55
N ASP C 28 0.53 4.77 -29.83
CA ASP C 28 1.48 5.83 -30.27
C ASP C 28 1.23 6.21 -31.74
N GLY C 29 -0.01 6.56 -32.05
CA GLY C 29 -0.34 6.95 -33.42
C GLY C 29 -1.06 5.82 -34.10
N LEU C 30 -2.37 5.89 -34.12
CA LEU C 30 -3.13 4.74 -34.64
C LEU C 30 -2.80 4.48 -36.11
N ARG C 31 -2.74 5.54 -36.92
CA ARG C 31 -2.46 5.34 -38.34
C ARG C 31 -1.07 4.75 -38.55
N ALA C 32 -0.08 5.20 -37.76
CA ALA C 32 1.25 4.61 -37.84
C ALA C 32 1.25 3.16 -37.40
N TRP C 33 0.56 2.88 -36.29
CA TRP C 33 0.55 1.54 -35.73
C TRP C 33 -0.07 0.55 -36.70
N ILE C 34 -1.09 0.98 -37.43
CA ILE C 34 -1.72 0.13 -38.44
C ILE C 34 -0.74 -0.16 -39.58
N LYS C 35 -0.07 0.87 -40.10
CA LYS C 35 0.95 0.66 -41.12
C LYS C 35 2.03 -0.30 -40.65
N LYS C 36 2.33 -0.33 -39.35
CA LYS C 36 3.31 -1.26 -38.81
C LYS C 36 2.69 -2.58 -38.35
N LYS C 37 1.49 -2.89 -38.82
CA LYS C 37 0.89 -4.23 -38.70
C LYS C 37 0.29 -4.50 -37.33
N GLY C 38 0.02 -3.46 -36.54
CA GLY C 38 -0.56 -3.66 -35.22
C GLY C 38 -1.85 -4.45 -35.26
N LEU C 39 -2.69 -4.21 -36.27
CA LEU C 39 -3.96 -4.91 -36.35
C LEU C 39 -3.78 -6.39 -36.64
N ASP C 40 -2.73 -6.75 -37.38
CA ASP C 40 -2.40 -8.16 -37.55
C ASP C 40 -2.13 -8.80 -36.20
N TRP C 41 -1.43 -8.09 -35.31
CA TRP C 41 -1.21 -8.67 -33.99
C TRP C 41 -2.51 -8.76 -33.20
N VAL C 42 -3.41 -7.79 -33.36
CA VAL C 42 -4.68 -7.83 -32.62
C VAL C 42 -5.50 -9.04 -33.07
N LYS C 43 -5.56 -9.30 -34.35
CA LYS C 43 -6.30 -10.49 -34.87
C LYS C 43 -5.76 -11.79 -34.25
N GLU C 44 -4.45 -11.90 -34.14
CA GLU C 44 -3.82 -13.09 -33.50
C GLU C 44 -4.22 -13.18 -32.03
N GLU C 45 -4.30 -12.02 -31.35
CA GLU C 45 -4.65 -12.07 -29.94
C GLU C 45 -6.13 -12.33 -29.73
N ALA C 46 -6.96 -11.98 -30.69
CA ALA C 46 -8.39 -12.26 -30.70
C ALA C 46 -9.10 -11.91 -29.40
N PRO C 47 -8.95 -10.68 -28.90
CA PRO C 47 -9.65 -10.29 -27.67
C PRO C 47 -11.13 -10.02 -27.91
N ASP C 48 -11.91 -10.21 -26.84
CA ASP C 48 -13.31 -9.79 -26.84
C ASP C 48 -13.45 -8.28 -26.84
N ILE C 49 -12.49 -7.58 -26.23
CA ILE C 49 -12.54 -6.13 -26.11
C ILE C 49 -11.12 -5.61 -26.29
N LEU C 50 -10.99 -4.56 -27.10
CA LEU C 50 -9.72 -3.92 -27.32
C LEU C 50 -9.85 -2.45 -26.99
N CYS C 51 -8.97 -1.95 -26.12
CA CYS C 51 -8.88 -0.54 -25.75
C CYS C 51 -7.57 0.05 -26.25
N LEU C 52 -7.65 1.19 -26.93
CA LEU C 52 -6.47 1.82 -27.50
C LEU C 52 -6.28 3.22 -26.92
N GLN C 53 -5.03 3.60 -26.75
CA GLN C 53 -4.72 4.93 -26.24
C GLN C 53 -3.76 5.62 -27.20
N GLU C 54 -3.75 6.95 -27.14
CA GLU C 54 -2.93 7.78 -28.04
C GLU C 54 -3.19 7.38 -29.49
N THR C 55 -4.46 7.40 -29.87
CA THR C 55 -4.75 7.15 -31.27
C THR C 55 -4.21 8.26 -32.15
N LYS C 56 -4.19 9.50 -31.64
CA LYS C 56 -3.78 10.66 -32.43
C LYS C 56 -4.48 10.69 -33.79
N CYS C 57 -5.80 10.48 -33.76
CA CYS C 57 -6.55 10.32 -34.99
C CYS C 57 -8.02 10.63 -34.73
N SER C 58 -8.59 11.55 -35.50
CA SER C 58 -10.02 11.76 -35.38
C SER C 58 -10.76 10.64 -36.13
N GLU C 59 -12.03 10.44 -35.74
CA GLU C 59 -12.75 9.26 -36.23
C GLU C 59 -12.92 9.31 -37.74
N ASN C 60 -13.08 10.50 -38.32
CA ASN C 60 -13.23 10.58 -39.75
C ASN C 60 -12.00 10.07 -40.48
N LYS C 61 -10.86 9.93 -39.80
CA LYS C 61 -9.62 9.52 -40.45
C LYS C 61 -9.17 8.12 -40.07
N LEU C 62 -9.99 7.34 -39.39
CA LEU C 62 -9.65 5.95 -39.12
C LEU C 62 -9.44 5.21 -40.43
N PRO C 63 -8.38 4.42 -40.56
CA PRO C 63 -8.17 3.66 -41.78
C PRO C 63 -9.22 2.57 -41.97
N ALA C 64 -9.52 2.27 -43.24
CA ALA C 64 -10.59 1.30 -43.60
C ALA C 64 -10.43 -0.04 -42.92
N GLU C 65 -9.21 -0.42 -42.62
CA GLU C 65 -8.94 -1.75 -42.02
C GLU C 65 -9.68 -1.90 -40.69
N LEU C 66 -9.86 -0.80 -39.99
CA LEU C 66 -10.62 -0.86 -38.74
C LEU C 66 -12.05 -1.29 -38.95
N GLN C 67 -12.56 -1.14 -40.17
CA GLN C 67 -13.95 -1.50 -40.55
C GLN C 67 -13.95 -2.91 -41.13
N GLU C 68 -12.86 -3.63 -41.00
CA GLU C 68 -12.82 -5.04 -41.45
C GLU C 68 -12.50 -5.92 -40.24
N LEU C 69 -13.03 -5.55 -39.08
CA LEU C 69 -12.78 -6.29 -37.82
C LEU C 69 -14.14 -6.88 -37.42
N PRO C 70 -14.62 -8.03 -37.97
CA PRO C 70 -15.96 -8.51 -37.61
C PRO C 70 -16.08 -8.93 -36.16
N GLY C 71 -14.99 -9.36 -35.54
CA GLY C 71 -15.01 -9.73 -34.14
C GLY C 71 -14.87 -8.58 -33.18
N LEU C 72 -14.73 -7.36 -33.71
CA LEU C 72 -14.62 -6.17 -32.87
C LEU C 72 -15.44 -5.04 -33.51
N SER C 73 -16.70 -5.33 -33.81
CA SER C 73 -17.48 -4.49 -34.70
C SER C 73 -18.13 -3.33 -33.99
N HIS C 74 -18.20 -3.33 -32.68
CA HIS C 74 -18.78 -2.23 -31.93
C HIS C 74 -17.63 -1.33 -31.48
N GLN C 75 -17.55 -0.14 -32.07
CA GLN C 75 -16.37 0.70 -31.92
C GLN C 75 -16.76 2.09 -31.46
N TYR C 76 -15.99 2.62 -30.51
CA TYR C 76 -16.28 3.90 -29.87
C TYR C 76 -14.96 4.65 -29.77
N TRP C 77 -14.95 5.87 -30.28
CA TRP C 77 -13.73 6.67 -30.40
C TRP C 77 -13.95 8.03 -29.78
N SER C 78 -12.94 8.54 -29.10
CA SER C 78 -13.00 9.92 -28.65
C SER C 78 -11.61 10.54 -28.75
N ALA C 79 -11.53 11.65 -29.46
CA ALA C 79 -10.34 12.48 -29.61
C ALA C 79 -10.59 13.88 -29.08
N PRO C 80 -9.51 14.66 -28.72
CA PRO C 80 -9.71 16.06 -28.33
C PRO C 80 -10.18 16.90 -29.51
N SER C 81 -11.16 17.77 -29.26
CA SER C 81 -11.60 18.70 -30.33
C SER C 81 -10.54 19.77 -30.61
N ASP C 82 -9.82 20.20 -29.59
CA ASP C 82 -8.90 21.35 -29.78
C ASP C 82 -7.49 20.90 -30.16
N LYS C 83 -7.02 19.78 -29.61
CA LYS C 83 -5.62 19.35 -29.83
C LYS C 83 -5.54 18.28 -30.92
N GLU C 84 -5.67 18.66 -32.19
CA GLU C 84 -5.64 17.69 -33.32
C GLU C 84 -4.29 16.97 -33.35
N GLY C 85 -4.29 15.63 -33.47
CA GLY C 85 -3.03 14.89 -33.61
C GLY C 85 -2.44 14.44 -32.29
N TYR C 86 -3.17 14.62 -31.19
CA TYR C 86 -2.63 14.31 -29.84
C TYR C 86 -3.68 13.54 -29.05
N SER C 87 -3.25 12.77 -28.05
CA SER C 87 -4.20 12.03 -27.19
C SER C 87 -5.12 11.14 -28.03
N GLY C 88 -6.29 10.91 -27.50
CA GLY C 88 -7.29 10.13 -28.23
C GLY C 88 -7.33 8.68 -27.79
N VAL C 89 -8.53 8.14 -27.51
CA VAL C 89 -8.68 6.75 -27.10
C VAL C 89 -9.81 6.10 -27.89
N GLY C 90 -9.86 4.79 -27.79
CA GLY C 90 -10.84 4.02 -28.54
C GLY C 90 -11.16 2.74 -27.80
N LEU C 91 -12.39 2.27 -27.96
CA LEU C 91 -12.81 1.00 -27.35
C LEU C 91 -13.55 0.20 -28.41
N LEU C 92 -13.15 -1.05 -28.60
CA LEU C 92 -13.72 -1.92 -29.63
C LEU C 92 -14.16 -3.21 -28.97
N SER C 93 -15.34 -3.70 -29.32
CA SER C 93 -15.98 -4.75 -28.54
C SER C 93 -16.71 -5.74 -29.43
N ARG C 94 -16.55 -7.03 -29.12
CA ARG C 94 -17.29 -8.08 -29.83
C ARG C 94 -18.79 -7.90 -29.68
N GLN C 95 -19.27 -7.79 -28.45
CA GLN C 95 -20.67 -7.51 -28.20
C GLN C 95 -20.86 -6.04 -27.85
N ALA C 96 -22.04 -5.53 -28.17
CA ALA C 96 -22.33 -4.14 -27.85
C ALA C 96 -22.36 -3.96 -26.34
N PRO C 97 -21.84 -2.86 -25.81
CA PRO C 97 -22.07 -2.53 -24.40
C PRO C 97 -23.50 -2.07 -24.17
N LEU C 98 -23.93 -2.08 -22.92
CA LEU C 98 -25.25 -1.53 -22.56
C LEU C 98 -25.20 -0.01 -22.66
N LYS C 99 -24.09 0.58 -22.27
CA LYS C 99 -23.99 2.05 -22.24
C LYS C 99 -22.54 2.47 -22.51
N VAL C 100 -22.37 3.59 -23.20
CA VAL C 100 -21.01 4.15 -23.43
C VAL C 100 -21.05 5.67 -23.16
N SER C 101 -20.05 6.18 -22.46
CA SER C 101 -19.91 7.61 -22.28
C SER C 101 -18.43 7.98 -22.34
N TYR C 102 -18.15 9.29 -22.44
CA TYR C 102 -16.82 9.83 -22.69
C TYR C 102 -16.47 10.89 -21.65
N GLY C 103 -15.21 10.91 -21.24
CA GLY C 103 -14.73 11.93 -20.31
C GLY C 103 -15.01 11.53 -18.87
N ILE C 104 -14.63 12.41 -17.95
CA ILE C 104 -14.80 12.13 -16.52
C ILE C 104 -15.81 13.08 -15.87
N GLY C 105 -16.71 13.66 -16.66
CA GLY C 105 -17.70 14.58 -16.15
C GLY C 105 -17.13 15.90 -15.69
N ASP C 106 -16.29 16.53 -16.51
CA ASP C 106 -15.62 17.78 -16.15
C ASP C 106 -15.81 18.86 -17.22
N GLU C 112 -11.18 16.50 -24.58
CA GLU C 112 -9.93 16.00 -23.98
C GLU C 112 -9.54 14.64 -24.57
N GLY C 113 -10.53 13.78 -24.81
CA GLY C 113 -10.35 12.51 -25.50
C GLY C 113 -9.42 11.55 -24.79
N ARG C 114 -9.63 11.39 -23.48
CA ARG C 114 -8.77 10.54 -22.67
C ARG C 114 -9.46 9.36 -22.02
N VAL C 115 -10.80 9.36 -21.93
CA VAL C 115 -11.50 8.38 -21.11
C VAL C 115 -12.74 7.89 -21.83
N ILE C 116 -12.90 6.57 -21.90
CA ILE C 116 -14.14 5.96 -22.37
C ILE C 116 -14.67 5.05 -21.27
N VAL C 117 -15.97 5.07 -21.08
CA VAL C 117 -16.62 4.26 -20.05
C VAL C 117 -17.67 3.41 -20.74
N ALA C 118 -17.60 2.10 -20.55
CA ALA C 118 -18.52 1.18 -21.21
C ALA C 118 -19.06 0.22 -20.17
N GLU C 119 -20.39 0.22 -19.99
CA GLU C 119 -21.03 -0.70 -19.06
C GLU C 119 -21.43 -1.97 -19.81
N PHE C 120 -20.98 -3.10 -19.30
CA PHE C 120 -21.36 -4.41 -19.80
C PHE C 120 -22.28 -5.10 -18.79
N ASP C 121 -22.72 -6.32 -19.13
CA ASP C 121 -23.66 -7.06 -18.29
C ASP C 121 -23.17 -7.18 -16.85
N SER C 122 -21.93 -7.63 -16.67
CA SER C 122 -21.38 -7.97 -15.36
C SER C 122 -20.40 -6.95 -14.80
N PHE C 123 -19.98 -5.95 -15.58
CA PHE C 123 -18.94 -5.04 -15.07
C PHE C 123 -18.96 -3.76 -15.88
N VAL C 124 -18.32 -2.73 -15.33
CA VAL C 124 -18.07 -1.48 -16.05
C VAL C 124 -16.60 -1.45 -16.44
N LEU C 125 -16.32 -1.10 -17.68
CA LEU C 125 -14.95 -0.99 -18.16
C LEU C 125 -14.63 0.48 -18.39
N VAL C 126 -13.49 0.92 -17.87
CA VAL C 126 -13.00 2.26 -18.13
C VAL C 126 -11.64 2.11 -18.77
N THR C 127 -11.42 2.85 -19.85
CA THR C 127 -10.08 2.89 -20.42
C THR C 127 -9.64 4.34 -20.41
N ALA C 128 -8.36 4.56 -20.10
CA ALA C 128 -7.88 5.91 -19.85
C ALA C 128 -6.49 6.10 -20.46
N TYR C 129 -6.27 7.28 -21.02
CA TYR C 129 -4.94 7.75 -21.37
C TYR C 129 -4.66 8.92 -20.43
N VAL C 130 -3.89 8.66 -19.37
CA VAL C 130 -3.73 9.59 -18.25
C VAL C 130 -2.76 10.69 -18.66
N PRO C 131 -3.00 11.98 -18.33
CA PRO C 131 -2.13 13.05 -18.84
C PRO C 131 -0.70 12.91 -18.35
N ASN C 132 0.23 13.14 -19.25
CA ASN C 132 1.64 13.05 -18.92
C ASN C 132 2.07 14.28 -18.13
N ALA C 133 2.95 14.09 -17.13
CA ALA C 133 3.47 15.24 -16.37
C ALA C 133 4.41 16.10 -17.20
N GLY C 134 4.91 15.58 -18.30
CA GLY C 134 5.71 16.39 -19.22
C GLY C 134 7.17 16.45 -18.90
N ARG C 135 7.97 16.72 -19.93
CA ARG C 135 9.41 16.93 -19.71
C ARG C 135 9.56 18.13 -18.77
N GLY C 136 10.48 18.01 -17.84
CA GLY C 136 10.69 19.07 -16.85
C GLY C 136 9.51 19.18 -15.90
N LEU C 137 8.58 18.21 -15.92
CA LEU C 137 7.45 18.25 -15.00
C LEU C 137 6.56 19.47 -15.22
N VAL C 138 6.57 20.04 -16.41
CA VAL C 138 5.86 21.30 -16.64
C VAL C 138 4.36 21.17 -16.41
N ARG C 139 3.78 19.98 -16.60
CA ARG C 139 2.35 19.80 -16.37
C ARG C 139 2.05 18.89 -15.18
N LEU C 140 3.00 18.80 -14.25
CA LEU C 140 2.81 17.92 -13.10
C LEU C 140 1.61 18.34 -12.26
N GLU C 141 1.45 19.64 -12.01
CA GLU C 141 0.34 20.07 -11.18
C GLU C 141 -0.99 19.80 -11.86
N TYR C 142 -1.09 20.03 -13.16
CA TYR C 142 -2.31 19.65 -13.87
C TYR C 142 -2.57 18.17 -13.71
N ARG C 143 -1.52 17.35 -13.79
CA ARG C 143 -1.68 15.91 -13.63
C ARG C 143 -2.21 15.58 -12.24
N GLN C 144 -1.73 16.31 -11.23
CA GLN C 144 -2.18 16.02 -9.88
C GLN C 144 -3.65 16.38 -9.72
N ARG C 145 -4.09 17.45 -10.36
CA ARG C 145 -5.51 17.81 -10.26
C ARG C 145 -6.36 16.85 -11.06
N TRP C 146 -5.86 16.41 -12.22
CA TRP C 146 -6.55 15.38 -13.00
C TRP C 146 -6.72 14.10 -12.19
N ASP C 147 -5.63 13.65 -11.55
CA ASP C 147 -5.68 12.41 -10.77
C ASP C 147 -6.83 12.48 -9.77
N GLU C 148 -6.94 13.62 -9.08
CA GLU C 148 -7.95 13.77 -8.04
C GLU C 148 -9.35 13.79 -8.63
N ALA C 149 -9.53 14.49 -9.77
CA ALA C 149 -10.82 14.47 -10.44
C ALA C 149 -11.18 13.06 -10.91
N PHE C 150 -10.19 12.32 -11.40
CA PHE C 150 -10.43 10.98 -11.92
C PHE C 150 -10.84 10.03 -10.80
N ARG C 151 -10.06 10.03 -9.73
CA ARG C 151 -10.38 9.29 -8.50
C ARG C 151 -11.83 9.49 -8.10
N LYS C 152 -12.26 10.74 -7.97
CA LYS C 152 -13.63 11.01 -7.56
C LYS C 152 -14.63 10.52 -8.59
N PHE C 153 -14.34 10.75 -9.87
CA PHE C 153 -15.23 10.25 -10.91
C PHE C 153 -15.42 8.75 -10.79
N LEU C 154 -14.35 8.01 -10.64
CA LEU C 154 -14.43 6.52 -10.54
C LEU C 154 -15.12 6.09 -9.23
N LYS C 155 -14.90 6.80 -8.14
CA LYS C 155 -15.60 6.48 -6.87
C LYS C 155 -17.09 6.59 -7.15
N GLY C 156 -17.50 7.60 -7.91
CA GLY C 156 -18.89 7.65 -8.39
C GLY C 156 -19.20 6.73 -9.57
N LEU C 157 -18.45 5.66 -9.82
CA LEU C 157 -18.84 4.67 -10.88
C LEU C 157 -18.91 3.27 -10.26
N ALA C 158 -18.01 2.92 -9.32
CA ALA C 158 -17.88 1.55 -8.78
C ALA C 158 -18.84 1.23 -7.61
N SER C 159 -19.90 2.01 -7.47
CA SER C 159 -20.92 1.76 -6.41
C SER C 159 -22.07 0.94 -7.00
N ARG C 160 -21.98 0.55 -8.28
CA ARG C 160 -23.01 -0.31 -8.90
C ARG C 160 -22.39 -1.68 -9.24
N LYS C 161 -21.94 -1.91 -10.48
CA LYS C 161 -21.25 -3.12 -10.86
C LYS C 161 -19.76 -3.00 -10.53
N PRO C 162 -19.02 -4.10 -10.54
CA PRO C 162 -17.57 -4.01 -10.35
C PRO C 162 -16.90 -3.28 -11.51
N LEU C 163 -15.68 -2.83 -11.25
CA LEU C 163 -14.98 -1.94 -12.16
C LEU C 163 -13.75 -2.62 -12.73
N VAL C 164 -13.54 -2.43 -14.03
CA VAL C 164 -12.28 -2.77 -14.66
C VAL C 164 -11.76 -1.47 -15.26
N LEU C 165 -10.59 -1.03 -14.81
CA LEU C 165 -9.95 0.16 -15.34
C LEU C 165 -8.66 -0.25 -16.03
N CYS C 166 -8.49 0.13 -17.31
CA CYS C 166 -7.28 -0.24 -18.02
C CYS C 166 -6.78 0.93 -18.87
N GLY C 167 -5.51 0.84 -19.26
CA GLY C 167 -4.95 1.82 -20.16
C GLY C 167 -3.60 2.27 -19.69
N ASP C 168 -3.16 3.39 -20.27
CA ASP C 168 -1.87 3.98 -19.94
C ASP C 168 -2.11 4.94 -18.79
N LEU C 169 -1.79 4.51 -17.58
CA LEU C 169 -1.97 5.38 -16.43
C LEU C 169 -0.74 6.24 -16.15
N ASN C 170 0.29 6.14 -17.00
CA ASN C 170 1.43 7.07 -17.00
C ASN C 170 2.04 7.25 -15.62
N VAL C 171 2.20 6.17 -14.89
CA VAL C 171 3.01 6.17 -13.67
C VAL C 171 3.51 4.75 -13.43
N ALA C 172 4.78 4.63 -13.08
CA ALA C 172 5.31 3.38 -12.54
C ALA C 172 5.10 3.45 -11.04
N HIS C 173 4.27 2.55 -10.52
CA HIS C 173 3.84 2.67 -9.12
C HIS C 173 5.04 2.61 -8.17
N GLU C 174 5.83 1.53 -8.25
CA GLU C 174 6.91 1.33 -7.29
C GLU C 174 8.23 1.12 -8.02
N GLU C 175 9.33 1.08 -7.25
CA GLU C 175 10.64 0.95 -7.86
C GLU C 175 10.71 -0.29 -8.74
N ILE C 176 9.97 -1.34 -8.40
CA ILE C 176 10.01 -2.55 -9.22
C ILE C 176 9.35 -2.34 -10.58
N ASP C 177 8.65 -1.22 -10.78
CA ASP C 177 7.93 -1.00 -12.03
C ASP C 177 8.75 -0.26 -13.09
N LEU C 178 10.03 -0.01 -12.87
CA LEU C 178 10.86 0.55 -13.92
C LEU C 178 12.31 0.14 -13.69
N ARG C 179 13.10 0.24 -14.76
CA ARG C 179 14.47 -0.25 -14.70
C ARG C 179 15.35 0.65 -13.85
N ASN C 180 15.17 1.97 -13.96
CA ASN C 180 16.06 2.95 -13.35
C ASN C 180 15.30 3.82 -12.36
N PRO C 181 14.86 3.26 -11.24
CA PRO C 181 14.09 4.07 -10.28
C PRO C 181 14.85 5.27 -9.76
N LYS C 182 16.12 5.10 -9.39
CA LYS C 182 16.85 6.18 -8.74
C LYS C 182 17.02 7.39 -9.66
N GLY C 183 17.37 7.15 -10.93
CA GLY C 183 17.57 8.25 -11.86
C GLY C 183 16.32 8.92 -12.39
N ASN C 184 15.14 8.42 -12.04
CA ASN C 184 13.87 8.93 -12.58
C ASN C 184 12.92 9.47 -11.53
N LYS C 185 13.37 9.67 -10.27
CA LYS C 185 12.40 10.11 -9.28
C LYS C 185 12.04 11.58 -9.45
N LYS C 186 12.69 12.31 -10.34
CA LYS C 186 12.25 13.65 -10.70
C LYS C 186 11.76 13.72 -12.14
N ASN C 187 11.45 12.59 -12.74
CA ASN C 187 10.98 12.56 -14.12
C ASN C 187 9.52 12.11 -14.17
N ALA C 188 8.82 12.58 -15.22
CA ALA C 188 7.42 12.23 -15.39
C ALA C 188 7.25 10.73 -15.31
N GLY C 189 6.20 10.29 -14.63
CA GLY C 189 5.92 8.89 -14.45
C GLY C 189 6.49 8.28 -13.19
N PHE C 190 7.42 8.96 -12.52
CA PHE C 190 7.92 8.39 -11.28
C PHE C 190 8.15 9.44 -10.20
N THR C 191 7.46 10.58 -10.27
CA THR C 191 7.52 11.55 -9.19
C THR C 191 6.85 10.98 -7.95
N PRO C 192 7.23 11.44 -6.76
CA PRO C 192 6.47 11.05 -5.58
C PRO C 192 5.01 11.44 -5.70
N GLN C 193 4.71 12.50 -6.43
CA GLN C 193 3.34 12.97 -6.53
C GLN C 193 2.49 12.01 -7.38
N GLU C 194 3.07 11.49 -8.45
CA GLU C 194 2.31 10.57 -9.30
C GLU C 194 2.17 9.21 -8.63
N ARG C 195 3.21 8.72 -7.98
CA ARG C 195 3.12 7.43 -7.22
C ARG C 195 2.04 7.49 -6.13
N GLN C 196 2.06 8.55 -5.32
CA GLN C 196 1.03 8.72 -4.28
C GLN C 196 -0.35 8.78 -4.94
N GLY C 197 -0.46 9.46 -6.07
CA GLY C 197 -1.76 9.47 -6.74
C GLY C 197 -2.21 8.09 -7.16
N PHE C 198 -1.28 7.26 -7.61
CA PHE C 198 -1.63 5.87 -7.93
C PHE C 198 -2.06 5.12 -6.68
N GLY C 199 -1.25 5.18 -5.62
CA GLY C 199 -1.65 4.56 -4.37
C GLY C 199 -2.99 5.02 -3.87
N GLU C 200 -3.28 6.33 -4.00
CA GLU C 200 -4.60 6.80 -3.56
C GLU C 200 -5.71 6.26 -4.46
N LEU C 201 -5.44 6.08 -5.75
CA LEU C 201 -6.48 5.52 -6.61
C LEU C 201 -6.87 4.12 -6.15
N LEU C 202 -5.87 3.29 -5.83
CA LEU C 202 -6.17 1.93 -5.37
C LEU C 202 -6.90 1.96 -4.02
N GLN C 203 -6.47 2.84 -3.11
CA GLN C 203 -7.11 2.91 -1.80
C GLN C 203 -8.53 3.44 -1.90
N ALA C 204 -8.73 4.50 -2.69
CA ALA C 204 -9.98 5.24 -2.65
C ALA C 204 -11.13 4.51 -3.32
N VAL C 205 -10.88 3.82 -4.43
CA VAL C 205 -12.00 3.38 -5.27
C VAL C 205 -12.79 2.24 -4.64
N PRO C 206 -12.19 1.13 -4.16
CA PRO C 206 -10.81 0.63 -4.13
C PRO C 206 -10.50 -0.21 -5.35
N LEU C 207 -9.23 -0.46 -5.66
CA LEU C 207 -8.83 -1.22 -6.83
C LEU C 207 -7.55 -2.00 -6.54
N ALA C 208 -7.39 -3.10 -7.24
CA ALA C 208 -6.21 -3.95 -7.12
C ALA C 208 -5.46 -3.98 -8.45
N ASP C 209 -4.14 -3.96 -8.39
CA ASP C 209 -3.29 -4.02 -9.58
C ASP C 209 -3.23 -5.49 -10.03
N SER C 210 -3.93 -5.83 -11.11
CA SER C 210 -4.05 -7.25 -11.48
C SER C 210 -2.68 -7.90 -11.63
N PHE C 211 -1.80 -7.32 -12.46
CA PHE C 211 -0.49 -7.94 -12.67
C PHE C 211 0.28 -8.11 -11.37
N ARG C 212 0.32 -7.06 -10.54
CA ARG C 212 1.13 -7.15 -9.32
C ARG C 212 0.47 -8.06 -8.30
N HIS C 213 -0.85 -8.17 -8.33
CA HIS C 213 -1.52 -9.10 -7.43
C HIS C 213 -1.10 -10.53 -7.72
N LEU C 214 -0.87 -10.86 -8.98
CA LEU C 214 -0.47 -12.20 -9.37
C LEU C 214 1.03 -12.40 -9.33
N TYR C 215 1.79 -11.35 -9.51
CA TYR C 215 3.25 -11.45 -9.64
C TYR C 215 3.88 -10.39 -8.77
N PRO C 216 3.65 -10.45 -7.46
CA PRO C 216 4.02 -9.31 -6.59
C PRO C 216 5.50 -9.07 -6.52
N ASN C 217 6.34 -10.05 -6.85
CA ASN C 217 7.77 -9.84 -6.68
C ASN C 217 8.52 -10.02 -7.98
N THR C 218 7.84 -9.88 -9.12
CA THR C 218 8.50 -10.12 -10.38
C THR C 218 9.08 -8.83 -10.93
N PRO C 219 10.39 -8.71 -11.03
CA PRO C 219 11.00 -7.49 -11.57
C PRO C 219 11.09 -7.56 -13.09
N TYR C 220 11.50 -6.43 -13.67
CA TYR C 220 11.85 -6.29 -15.07
C TYR C 220 10.66 -6.45 -16.02
N ALA C 221 9.43 -6.30 -15.52
CA ALA C 221 8.22 -6.46 -16.34
C ALA C 221 7.68 -5.07 -16.65
N TYR C 222 7.87 -4.62 -17.89
CA TYR C 222 7.56 -3.26 -18.31
C TYR C 222 6.63 -3.28 -19.52
N THR C 223 6.02 -2.13 -19.78
CA THR C 223 5.10 -2.01 -20.92
C THR C 223 5.50 -0.86 -21.81
N PHE C 224 6.56 -0.13 -21.47
CA PHE C 224 6.97 1.03 -22.25
C PHE C 224 8.49 1.10 -22.27
N TRP C 225 9.05 1.44 -23.43
CA TRP C 225 10.48 1.74 -23.54
C TRP C 225 10.64 2.91 -24.48
N THR C 226 11.43 3.91 -24.07
CA THR C 226 11.68 5.03 -24.97
C THR C 226 12.26 4.52 -26.29
N TYR C 227 11.81 5.11 -27.39
CA TYR C 227 12.36 4.75 -28.69
C TYR C 227 13.88 4.93 -28.72
N MET C 228 14.39 5.89 -27.95
CA MET C 228 15.77 6.30 -28.08
C MET C 228 16.71 5.33 -27.36
N MET C 229 18.00 5.43 -27.70
N MET C 229 18.00 5.43 -27.69
CA MET C 229 19.09 4.69 -27.04
CA MET C 229 19.07 4.70 -27.00
C MET C 229 18.82 3.19 -26.98
C MET C 229 18.83 3.20 -26.98
N ASN C 230 18.02 2.69 -27.91
CA ASN C 230 17.76 1.25 -28.03
C ASN C 230 17.25 0.65 -26.72
N ALA C 231 16.41 1.41 -26.01
CA ALA C 231 15.99 0.98 -24.68
C ALA C 231 15.26 -0.35 -24.72
N ARG C 232 14.42 -0.57 -25.74
CA ARG C 232 13.65 -1.80 -25.79
C ARG C 232 14.57 -3.02 -25.89
N SER C 233 15.55 -2.97 -26.80
CA SER C 233 16.49 -4.08 -26.96
C SER C 233 17.19 -4.41 -25.65
N LYS C 234 17.38 -3.43 -24.78
CA LYS C 234 17.98 -3.65 -23.47
C LYS C 234 16.95 -3.89 -22.38
N ASN C 235 15.66 -3.85 -22.69
CA ASN C 235 14.59 -3.95 -21.67
C ASN C 235 14.80 -2.95 -20.55
N VAL C 236 15.21 -1.74 -20.91
CA VAL C 236 15.23 -0.62 -19.98
C VAL C 236 13.89 0.09 -20.16
N GLY C 237 12.95 -0.19 -19.25
CA GLY C 237 11.59 0.22 -19.53
C GLY C 237 10.81 0.54 -18.27
N TRP C 238 9.52 0.84 -18.46
CA TRP C 238 8.60 1.20 -17.39
C TRP C 238 7.31 0.41 -17.53
N ARG C 239 6.67 0.12 -16.41
CA ARG C 239 5.35 -0.50 -16.40
C ARG C 239 4.34 0.61 -16.19
N LEU C 240 3.77 1.11 -17.29
CA LEU C 240 2.82 2.22 -17.26
C LEU C 240 1.40 1.81 -17.58
N ASP C 241 1.18 0.60 -18.06
CA ASP C 241 -0.12 0.18 -18.56
C ASP C 241 -0.67 -0.91 -17.63
N TYR C 242 -1.92 -0.76 -17.21
CA TYR C 242 -2.42 -1.60 -16.14
C TYR C 242 -3.82 -2.07 -16.44
N PHE C 243 -4.18 -3.17 -15.76
CA PHE C 243 -5.58 -3.53 -15.51
C PHE C 243 -5.77 -3.47 -14.01
N LEU C 244 -6.60 -2.54 -13.55
CA LEU C 244 -6.97 -2.41 -12.14
C LEU C 244 -8.40 -2.90 -12.00
N LEU C 245 -8.65 -3.71 -10.96
CA LEU C 245 -9.93 -4.39 -10.77
C LEU C 245 -10.49 -4.15 -9.38
N SER C 246 -11.81 -4.09 -9.31
CA SER C 246 -12.47 -4.11 -8.01
C SER C 246 -12.12 -5.39 -7.26
N HIS C 247 -12.11 -5.29 -5.93
N HIS C 247 -12.12 -5.31 -5.94
CA HIS C 247 -11.78 -6.45 -5.09
CA HIS C 247 -11.75 -6.46 -5.13
C HIS C 247 -12.63 -7.65 -5.45
C HIS C 247 -12.64 -7.67 -5.43
N SER C 248 -13.92 -7.42 -5.72
CA SER C 248 -14.84 -8.51 -5.95
C SER C 248 -14.55 -9.28 -7.23
N LEU C 249 -13.75 -8.72 -8.14
CA LEU C 249 -13.40 -9.41 -9.36
C LEU C 249 -12.17 -10.29 -9.22
N LEU C 250 -11.42 -10.18 -8.12
CA LEU C 250 -10.22 -11.00 -7.95
C LEU C 250 -10.47 -12.51 -8.08
N PRO C 251 -11.55 -13.09 -7.54
CA PRO C 251 -11.76 -14.53 -7.78
C PRO C 251 -12.03 -14.85 -9.25
N ALA C 252 -12.36 -13.86 -10.08
CA ALA C 252 -12.53 -14.09 -11.51
C ALA C 252 -11.23 -13.91 -12.27
N LEU C 253 -10.17 -13.46 -11.61
CA LEU C 253 -8.94 -13.09 -12.30
C LEU C 253 -8.18 -14.35 -12.65
N CYS C 254 -7.98 -14.59 -13.95
CA CYS C 254 -7.17 -15.72 -14.37
C CYS C 254 -5.73 -15.31 -14.58
N ASP C 255 -5.50 -14.24 -15.33
CA ASP C 255 -4.14 -13.80 -15.60
C ASP C 255 -4.16 -12.38 -16.11
N SER C 256 -2.99 -11.75 -16.03
CA SER C 256 -2.79 -10.40 -16.55
C SER C 256 -1.44 -10.43 -17.24
N LYS C 257 -1.44 -10.23 -18.56
CA LYS C 257 -0.27 -10.50 -19.38
C LYS C 257 0.40 -9.21 -19.85
N ILE C 258 1.68 -9.31 -20.20
CA ILE C 258 2.44 -8.23 -20.82
C ILE C 258 2.99 -8.78 -22.14
N ARG C 259 2.50 -8.29 -23.27
CA ARG C 259 2.82 -8.88 -24.57
C ARG C 259 4.10 -8.24 -25.11
N SER C 260 5.22 -8.63 -24.49
CA SER C 260 6.48 -7.92 -24.67
C SER C 260 6.93 -7.89 -26.12
N LYS C 261 6.58 -8.94 -26.90
CA LYS C 261 7.14 -9.10 -28.23
C LYS C 261 6.33 -8.39 -29.31
N ALA C 262 5.13 -7.90 -29.00
CA ALA C 262 4.30 -7.26 -30.00
C ALA C 262 4.81 -5.85 -30.28
N LEU C 263 5.22 -5.61 -31.51
CA LEU C 263 5.81 -4.34 -31.88
C LEU C 263 4.74 -3.44 -32.48
N GLY C 264 5.13 -2.19 -32.77
CA GLY C 264 4.22 -1.27 -33.42
C GLY C 264 4.10 0.08 -32.73
N SER C 265 4.59 0.17 -31.50
CA SER C 265 4.51 1.39 -30.71
C SER C 265 5.70 1.39 -29.75
N ASP C 266 5.79 2.38 -28.86
CA ASP C 266 6.82 2.39 -27.79
C ASP C 266 6.22 1.67 -26.57
N HIS C 267 4.93 1.38 -26.63
CA HIS C 267 4.30 0.57 -25.57
C HIS C 267 3.96 -0.79 -26.14
N CYS C 268 3.90 -1.76 -25.25
CA CYS C 268 3.53 -3.11 -25.67
C CYS C 268 2.07 -3.36 -25.23
N PRO C 269 1.33 -4.31 -25.84
CA PRO C 269 -0.02 -4.59 -25.35
C PRO C 269 0.00 -5.27 -23.99
N ILE C 270 -1.12 -5.14 -23.28
CA ILE C 270 -1.36 -5.93 -22.08
C ILE C 270 -2.72 -6.59 -22.22
N THR C 271 -2.88 -7.74 -21.58
CA THR C 271 -4.07 -8.55 -21.84
C THR C 271 -4.56 -9.16 -20.54
N LEU C 272 -5.87 -9.04 -20.30
CA LEU C 272 -6.52 -9.56 -19.10
C LEU C 272 -7.40 -10.74 -19.46
N TYR C 273 -7.35 -11.81 -18.65
CA TYR C 273 -8.25 -12.95 -18.76
C TYR C 273 -9.13 -13.00 -17.53
N LEU C 274 -10.45 -12.93 -17.71
CA LEU C 274 -11.40 -13.01 -16.60
C LEU C 274 -12.35 -14.17 -16.81
N ALA C 275 -12.67 -14.87 -15.70
CA ALA C 275 -13.69 -15.94 -15.72
C ALA C 275 -15.01 -15.38 -15.19
N LEU C 276 -15.90 -14.98 -16.09
CA LEU C 276 -17.14 -14.34 -15.68
C LEU C 276 -18.31 -15.25 -15.96
MN MN F . 3.39 8.19 -25.69
#